data_9HQ9
#
_entry.id   9HQ9
#
_cell.length_a   37.994
_cell.length_b   44.090
_cell.length_c   55.983
_cell.angle_alpha   90.000
_cell.angle_beta   94.170
_cell.angle_gamma   90.000
#
_symmetry.space_group_name_H-M   'P 1 21 1'
#
loop_
_entity.id
_entity.type
_entity.pdbx_description
1 polymer 'Heterogeneous nuclear ribonucleoprotein A1, N-terminally processed'
2 non-polymer (5~{R})-7-pyrazin-2-yl-2-oxa-7-azaspiro[4.4]nonane
3 water water
#
_entity_poly.entity_id   1
_entity_poly.type   'polypeptide(L)'
_entity_poly.pdbx_seq_one_letter_code
;GPMGSKSESPKEPEQLRKLFIGGLSFETTDESLRSHFEQWGTLTDCVVMRDPNTKRSRGFGFVTYATVEEVDAAMNARPH
KVDGRVVEPKRAVSREDSQRPGAHLTVKKIFVGGIKEDTEEHHLRDYFEQYGKIEVIEIMTDRGSGKKRGFAFVTFDDHD
SVDKIVIQKYHTVNGHNCEVRKALSKQEMASASSSQRG
;
_entity_poly.pdbx_strand_id   A
#
loop_
_chem_comp.id
_chem_comp.type
_chem_comp.name
_chem_comp.formula
A1H97 non-polymer (5~{R})-7-pyrazin-2-yl-2-oxa-7-azaspiro[4.4]nonane 'C11 H15 N3 O'
#
# COMPACT_ATOMS: atom_id res chain seq x y z
N PRO A 10 15.29 3.84 -16.95
CA PRO A 10 14.74 2.68 -16.25
C PRO A 10 13.39 3.01 -15.60
N LYS A 11 12.30 2.71 -16.30
CA LYS A 11 10.97 2.93 -15.76
C LYS A 11 10.59 1.80 -14.82
N GLU A 12 10.00 2.14 -13.68
CA GLU A 12 9.48 1.11 -12.79
C GLU A 12 8.35 0.37 -13.52
N PRO A 13 8.17 -0.92 -13.26
CA PRO A 13 7.06 -1.66 -13.87
C PRO A 13 5.74 -0.91 -13.70
N GLU A 14 4.97 -0.86 -14.79
CA GLU A 14 3.72 -0.12 -14.79
C GLU A 14 2.79 -0.60 -13.68
N GLN A 15 2.76 -1.92 -13.40
CA GLN A 15 1.87 -2.41 -12.36
C GLN A 15 2.12 -1.74 -11.02
N LEU A 16 3.36 -1.30 -10.76
CA LEU A 16 3.70 -0.71 -9.48
C LEU A 16 3.45 0.79 -9.47
N ARG A 17 2.98 1.34 -10.58
CA ARG A 17 2.70 2.77 -10.70
C ARG A 17 1.20 3.05 -10.78
N LYS A 18 0.37 2.02 -10.60
CA LYS A 18 -1.08 2.12 -10.77
C LYS A 18 -1.78 2.24 -9.43
N LEU A 19 -2.83 3.05 -9.38
CA LEU A 19 -3.72 3.06 -8.23
C LEU A 19 -5.12 2.69 -8.70
N PHE A 20 -5.70 1.68 -8.05
CA PHE A 20 -7.13 1.43 -8.15
C PHE A 20 -7.85 2.45 -7.27
N ILE A 21 -8.85 3.13 -7.81
CA ILE A 21 -9.59 4.13 -7.05
C ILE A 21 -11.03 3.63 -6.92
N GLY A 22 -11.40 3.22 -5.72
CA GLY A 22 -12.74 2.75 -5.45
C GLY A 22 -13.62 3.85 -4.87
N GLY A 23 -14.93 3.62 -4.90
CA GLY A 23 -15.85 4.53 -4.27
C GLY A 23 -16.09 5.82 -5.01
N LEU A 24 -15.92 5.82 -6.32
CA LEU A 24 -16.07 7.03 -7.11
C LEU A 24 -17.52 7.49 -7.07
N SER A 25 -17.70 8.79 -7.13
CA SER A 25 -18.99 9.32 -7.52
C SER A 25 -19.30 8.89 -8.94
N PHE A 26 -20.54 8.51 -9.19
CA PHE A 26 -20.90 8.09 -10.54
C PHE A 26 -20.76 9.21 -11.55
N GLU A 27 -20.63 10.46 -11.09
CA GLU A 27 -20.44 11.58 -11.99
C GLU A 27 -18.98 11.86 -12.31
N THR A 28 -18.05 11.16 -11.68
CA THR A 28 -16.64 11.34 -12.00
C THR A 28 -16.34 10.79 -13.39
N THR A 29 -15.55 11.53 -14.15
CA THR A 29 -15.19 11.20 -15.52
C THR A 29 -13.70 10.97 -15.62
N ASP A 30 -13.28 10.39 -16.76
CA ASP A 30 -11.85 10.32 -17.04
C ASP A 30 -11.19 11.66 -16.80
N GLU A 31 -11.83 12.73 -17.25
CA GLU A 31 -11.22 14.04 -17.18
C GLU A 31 -11.19 14.56 -15.75
N SER A 32 -12.26 14.39 -14.98
CA SER A 32 -12.25 14.93 -13.62
C SER A 32 -11.40 14.09 -12.68
N LEU A 33 -11.33 12.78 -12.92
CA LEU A 33 -10.40 11.95 -12.15
C LEU A 33 -8.97 12.37 -12.43
N ARG A 34 -8.65 12.62 -13.70
CA ARG A 34 -7.30 13.04 -14.08
C ARG A 34 -6.96 14.40 -13.48
N SER A 35 -7.86 15.38 -13.62
CA SER A 35 -7.58 16.70 -13.05
C SER A 35 -7.27 16.60 -11.56
N HIS A 36 -8.00 15.76 -10.84
CA HIS A 36 -7.74 15.59 -9.43
C HIS A 36 -6.35 14.98 -9.18
N PHE A 37 -6.10 13.80 -9.73
CA PHE A 37 -4.89 13.10 -9.33
C PHE A 37 -3.62 13.64 -9.99
N GLU A 38 -3.74 14.47 -11.04
CA GLU A 38 -2.55 15.13 -11.57
C GLU A 38 -1.91 16.08 -10.57
N GLN A 39 -2.59 16.41 -9.47
CA GLN A 39 -1.96 17.26 -8.48
C GLN A 39 -0.75 16.60 -7.83
N TRP A 40 -0.65 15.27 -7.88
CA TRP A 40 0.46 14.58 -7.23
C TRP A 40 1.44 13.91 -8.19
N GLY A 41 1.28 14.10 -9.49
CA GLY A 41 2.29 13.61 -10.41
C GLY A 41 1.75 13.55 -11.81
N THR A 42 2.65 13.17 -12.72
CA THR A 42 2.29 12.99 -14.12
C THR A 42 1.49 11.70 -14.29
N LEU A 43 0.32 11.78 -14.93
CA LEU A 43 -0.51 10.60 -15.15
C LEU A 43 -0.34 10.11 -16.57
N THR A 44 0.19 8.91 -16.74
CA THR A 44 0.28 8.30 -18.05
C THR A 44 -1.03 7.65 -18.48
N ASP A 45 -1.94 7.39 -17.54
N ASP A 45 -1.93 7.36 -17.53
CA ASP A 45 -3.20 6.75 -17.88
CA ASP A 45 -3.21 6.75 -17.87
C ASP A 45 -4.19 7.10 -16.78
C ASP A 45 -4.19 7.11 -16.77
N CYS A 46 -5.47 7.20 -17.14
CA CYS A 46 -6.52 7.54 -16.18
C CYS A 46 -7.86 7.17 -16.79
N VAL A 47 -8.58 6.23 -16.16
N VAL A 47 -8.59 6.24 -16.17
CA VAL A 47 -9.80 5.66 -16.72
CA VAL A 47 -9.85 5.79 -16.75
C VAL A 47 -10.84 5.47 -15.63
C VAL A 47 -10.85 5.49 -15.66
N VAL A 48 -12.10 5.80 -15.95
CA VAL A 48 -13.23 5.45 -15.10
C VAL A 48 -13.87 4.22 -15.73
N MET A 49 -14.05 3.15 -14.97
CA MET A 49 -14.73 1.97 -15.52
C MET A 49 -16.20 2.21 -15.66
N ARG A 50 -16.74 1.85 -16.83
CA ARG A 50 -18.16 2.07 -17.13
C ARG A 50 -18.78 0.80 -17.64
N ASP A 51 -20.11 0.74 -17.52
CA ASP A 51 -20.85 -0.36 -18.13
C ASP A 51 -20.69 -0.29 -19.66
N PRO A 52 -20.49 -1.42 -20.34
CA PRO A 52 -20.33 -1.38 -21.80
C PRO A 52 -21.58 -0.98 -22.58
N ASN A 53 -22.78 -1.18 -22.03
CA ASN A 53 -24.00 -0.83 -22.74
C ASN A 53 -24.60 0.48 -22.29
N THR A 54 -24.68 0.74 -20.98
CA THR A 54 -25.31 1.96 -20.46
C THR A 54 -24.36 3.13 -20.38
N LYS A 55 -23.06 2.88 -20.38
CA LYS A 55 -22.01 3.84 -20.06
C LYS A 55 -22.12 4.40 -18.65
N ARG A 56 -22.99 3.85 -17.81
CA ARG A 56 -23.04 4.30 -16.44
C ARG A 56 -21.78 3.84 -15.69
N SER A 57 -21.24 4.73 -14.86
CA SER A 57 -20.05 4.42 -14.09
C SER A 57 -20.24 3.17 -13.23
N ARG A 58 -19.18 2.38 -13.13
CA ARG A 58 -19.09 1.26 -12.22
C ARG A 58 -18.59 1.69 -10.85
N GLY A 59 -18.32 2.98 -10.66
CA GLY A 59 -17.93 3.44 -9.34
C GLY A 59 -16.48 3.24 -9.00
N PHE A 60 -15.64 2.83 -9.95
CA PHE A 60 -14.22 2.74 -9.68
C PHE A 60 -13.46 3.02 -10.97
N GLY A 61 -12.17 3.30 -10.80
CA GLY A 61 -11.30 3.58 -11.93
C GLY A 61 -9.88 3.30 -11.55
N PHE A 62 -8.98 3.70 -12.44
N PHE A 62 -8.96 3.65 -12.45
CA PHE A 62 -7.55 3.51 -12.25
CA PHE A 62 -7.54 3.50 -12.14
C PHE A 62 -6.82 4.77 -12.69
C PHE A 62 -6.73 4.61 -12.77
N VAL A 63 -5.69 5.04 -12.05
CA VAL A 63 -4.78 6.06 -12.54
C VAL A 63 -3.41 5.44 -12.52
N THR A 64 -2.58 5.82 -13.49
CA THR A 64 -1.21 5.34 -13.56
C THR A 64 -0.27 6.53 -13.57
N TYR A 65 0.63 6.60 -12.60
CA TYR A 65 1.61 7.66 -12.53
C TYR A 65 2.88 7.30 -13.28
N ALA A 66 3.71 8.33 -13.54
CA ALA A 66 4.96 8.08 -14.23
C ALA A 66 6.01 7.42 -13.35
N THR A 67 5.93 7.63 -12.03
CA THR A 67 6.92 7.05 -11.11
C THR A 67 6.24 6.57 -9.83
N VAL A 68 6.94 5.68 -9.13
CA VAL A 68 6.47 5.16 -7.85
C VAL A 68 6.45 6.26 -6.80
N GLU A 69 7.41 7.19 -6.84
CA GLU A 69 7.39 8.30 -5.89
C GLU A 69 6.11 9.10 -6.02
N GLU A 70 5.57 9.23 -7.24
CA GLU A 70 4.31 9.93 -7.42
C GLU A 70 3.14 9.14 -6.83
N VAL A 71 3.15 7.81 -6.95
CA VAL A 71 2.14 7.00 -6.27
C VAL A 71 2.19 7.25 -4.78
N ASP A 72 3.39 7.23 -4.20
CA ASP A 72 3.59 7.55 -2.79
C ASP A 72 2.98 8.91 -2.44
N ALA A 73 3.25 9.92 -3.27
CA ALA A 73 2.72 11.25 -3.00
C ALA A 73 1.20 11.23 -2.99
N ALA A 74 0.60 10.52 -3.93
CA ALA A 74 -0.85 10.47 -3.96
C ALA A 74 -1.39 9.76 -2.72
N MET A 75 -0.82 8.60 -2.34
CA MET A 75 -1.27 7.94 -1.12
C MET A 75 -1.05 8.81 0.11
N ASN A 76 0.04 9.57 0.14
CA ASN A 76 0.28 10.37 1.33
C ASN A 76 -0.69 11.54 1.42
N ALA A 77 -1.36 11.88 0.31
CA ALA A 77 -2.33 12.97 0.31
C ALA A 77 -3.76 12.52 0.60
N ARG A 78 -3.98 11.25 0.95
CA ARG A 78 -5.30 10.82 1.40
C ARG A 78 -5.66 11.57 2.67
N PRO A 79 -6.95 11.73 2.97
CA PRO A 79 -8.10 11.30 2.16
C PRO A 79 -8.29 12.15 0.94
N HIS A 80 -8.68 11.52 -0.16
CA HIS A 80 -8.98 12.20 -1.41
C HIS A 80 -10.48 12.34 -1.56
N LYS A 81 -10.95 13.57 -1.68
CA LYS A 81 -12.33 13.86 -2.00
C LYS A 81 -12.37 14.25 -3.46
N VAL A 82 -13.03 13.44 -4.28
CA VAL A 82 -13.04 13.59 -5.73
C VAL A 82 -14.48 13.82 -6.13
N ASP A 83 -14.74 14.98 -6.72
CA ASP A 83 -16.11 15.34 -7.12
C ASP A 83 -17.09 15.15 -5.97
N GLY A 84 -16.65 15.52 -4.75
CA GLY A 84 -17.53 15.56 -3.59
C GLY A 84 -17.61 14.29 -2.77
N ARG A 85 -16.90 13.23 -3.16
CA ARG A 85 -16.99 11.94 -2.47
C ARG A 85 -15.59 11.50 -2.06
N VAL A 86 -15.44 11.02 -0.82
CA VAL A 86 -14.15 10.47 -0.41
C VAL A 86 -13.98 9.11 -1.07
N VAL A 87 -12.90 8.95 -1.84
CA VAL A 87 -12.67 7.73 -2.61
C VAL A 87 -11.66 6.86 -1.87
N GLU A 88 -11.37 5.68 -2.41
CA GLU A 88 -10.53 4.69 -1.72
C GLU A 88 -9.42 4.23 -2.66
N PRO A 89 -8.27 4.90 -2.63
CA PRO A 89 -7.17 4.48 -3.51
C PRO A 89 -6.41 3.32 -2.88
N LYS A 90 -6.00 2.38 -3.73
CA LYS A 90 -5.16 1.27 -3.29
C LYS A 90 -4.19 0.92 -4.40
N ARG A 91 -2.98 0.51 -4.04
CA ARG A 91 -2.07 0.03 -5.07
C ARG A 91 -2.58 -1.26 -5.69
N ALA A 92 -2.30 -1.42 -6.99
CA ALA A 92 -2.71 -2.62 -7.71
C ALA A 92 -2.20 -3.88 -7.02
N VAL A 93 -2.89 -5.00 -7.27
CA VAL A 93 -2.58 -6.23 -6.56
C VAL A 93 -1.24 -6.81 -7.01
N SER A 94 -0.64 -7.61 -6.12
CA SER A 94 0.66 -8.23 -6.37
C SER A 94 0.62 -9.75 -6.15
N HIS A 104 -7.53 -7.56 -3.93
CA HIS A 104 -6.63 -6.93 -2.98
C HIS A 104 -6.93 -7.45 -1.57
N LEU A 105 -5.93 -8.08 -0.97
CA LEU A 105 -5.98 -8.48 0.44
C LEU A 105 -5.50 -7.29 1.25
N THR A 106 -6.45 -6.54 1.83
CA THR A 106 -6.13 -5.25 2.44
C THR A 106 -6.01 -5.41 3.95
N VAL A 107 -4.77 -5.46 4.44
CA VAL A 107 -4.51 -5.68 5.86
C VAL A 107 -3.52 -4.64 6.34
N LYS A 108 -3.41 -4.51 7.66
CA LYS A 108 -2.54 -3.54 8.31
C LYS A 108 -1.37 -4.21 9.05
N LYS A 109 -1.23 -5.52 8.93
CA LYS A 109 -0.30 -6.28 9.76
C LYS A 109 0.59 -7.14 8.86
N ILE A 110 1.88 -7.22 9.20
CA ILE A 110 2.82 -8.08 8.49
C ILE A 110 3.43 -9.08 9.44
N PHE A 111 3.78 -10.24 8.88
CA PHE A 111 4.68 -11.21 9.49
C PHE A 111 6.10 -10.88 9.03
N VAL A 112 7.03 -10.85 9.97
CA VAL A 112 8.46 -10.64 9.71
C VAL A 112 9.20 -11.88 10.20
N GLY A 113 9.80 -12.62 9.27
CA GLY A 113 10.49 -13.84 9.66
C GLY A 113 11.96 -13.76 9.38
N GLY A 114 12.73 -14.62 10.03
CA GLY A 114 14.16 -14.67 9.82
C GLY A 114 14.95 -13.68 10.64
N ILE A 115 14.35 -13.14 11.71
CA ILE A 115 15.02 -12.15 12.53
C ILE A 115 15.87 -12.81 13.60
N LYS A 116 15.77 -14.13 13.76
CA LYS A 116 16.58 -14.89 14.70
C LYS A 116 16.41 -14.35 16.11
N GLU A 117 17.38 -14.59 16.99
CA GLU A 117 17.15 -14.37 18.41
C GLU A 117 17.83 -13.11 18.93
N ASP A 118 18.45 -12.31 18.07
CA ASP A 118 19.10 -11.08 18.49
C ASP A 118 18.41 -9.80 18.01
N THR A 119 17.28 -9.92 17.32
CA THR A 119 16.59 -8.74 16.82
C THR A 119 15.61 -8.26 17.87
N GLU A 120 15.63 -6.96 18.15
CA GLU A 120 14.82 -6.35 19.21
C GLU A 120 13.79 -5.40 18.60
N GLU A 121 12.96 -4.85 19.49
CA GLU A 121 11.85 -4.01 19.04
C GLU A 121 12.35 -2.79 18.28
N HIS A 122 13.40 -2.13 18.78
CA HIS A 122 13.86 -0.90 18.15
C HIS A 122 14.43 -1.15 16.76
N HIS A 123 14.99 -2.34 16.51
CA HIS A 123 15.45 -2.68 15.16
C HIS A 123 14.28 -2.65 14.19
N LEU A 124 13.20 -3.35 14.55
CA LEU A 124 12.02 -3.40 13.70
C LEU A 124 11.39 -2.03 13.56
N ARG A 125 11.30 -1.28 14.68
CA ARG A 125 10.66 0.03 14.63
C ARG A 125 11.46 1.01 13.76
N ASP A 126 12.78 1.09 13.97
CA ASP A 126 13.56 2.05 13.20
C ASP A 126 13.47 1.79 11.71
N TYR A 127 13.37 0.52 11.31
CA TYR A 127 13.26 0.18 9.90
C TYR A 127 11.84 0.41 9.38
N PHE A 128 10.86 -0.18 10.04
CA PHE A 128 9.51 -0.16 9.48
C PHE A 128 8.78 1.18 9.64
N GLU A 129 9.22 2.04 10.55
CA GLU A 129 8.52 3.31 10.74
C GLU A 129 8.58 4.19 9.50
N GLN A 130 9.51 3.91 8.60
CA GLN A 130 9.62 4.68 7.38
C GLN A 130 8.65 4.21 6.31
N TYR A 131 7.92 3.12 6.58
CA TYR A 131 6.83 2.70 5.70
C TYR A 131 5.47 3.20 6.16
N GLY A 132 5.31 3.47 7.45
CA GLY A 132 4.02 3.90 7.95
C GLY A 132 4.08 3.99 9.45
N LYS A 133 2.97 4.45 10.01
CA LYS A 133 2.87 4.66 11.46
C LYS A 133 2.61 3.32 12.14
N ILE A 134 3.50 2.93 13.04
CA ILE A 134 3.41 1.66 13.75
C ILE A 134 2.53 1.79 14.97
N GLU A 135 1.60 0.85 15.13
CA GLU A 135 0.81 0.78 16.35
C GLU A 135 1.19 -0.36 17.27
N VAL A 136 1.62 -1.52 16.74
CA VAL A 136 1.97 -2.68 17.56
C VAL A 136 3.20 -3.35 16.99
N ILE A 137 4.14 -3.70 17.86
CA ILE A 137 5.23 -4.59 17.48
C ILE A 137 5.19 -5.77 18.43
N GLU A 138 5.17 -6.97 17.88
CA GLU A 138 5.06 -8.18 18.70
C GLU A 138 6.18 -9.14 18.28
N ILE A 139 7.23 -9.20 19.09
CA ILE A 139 8.33 -10.12 18.87
C ILE A 139 7.96 -11.44 19.53
N MET A 140 7.96 -12.52 18.75
CA MET A 140 7.36 -13.75 19.24
C MET A 140 8.35 -14.55 20.08
N THR A 141 7.86 -15.06 21.22
CA THR A 141 8.65 -15.85 22.13
C THR A 141 7.98 -17.18 22.38
N ASP A 142 8.78 -18.16 22.79
CA ASP A 142 8.28 -19.49 23.05
C ASP A 142 7.41 -19.52 24.29
N ARG A 143 6.24 -20.15 24.17
CA ARG A 143 5.25 -20.20 25.23
C ARG A 143 5.81 -20.87 26.48
N GLY A 144 6.73 -21.82 26.32
CA GLY A 144 7.28 -22.56 27.44
C GLY A 144 8.54 -21.97 28.05
N SER A 145 9.50 -21.57 27.20
CA SER A 145 10.82 -21.12 27.65
C SER A 145 10.98 -19.62 27.64
N GLY A 146 10.15 -18.89 26.90
CA GLY A 146 10.36 -17.47 26.74
C GLY A 146 11.44 -17.09 25.73
N LYS A 147 12.09 -18.08 25.10
CA LYS A 147 13.12 -17.78 24.13
C LYS A 147 12.50 -17.17 22.88
N LYS A 148 13.23 -16.28 22.25
CA LYS A 148 12.74 -15.67 21.02
C LYS A 148 12.64 -16.73 19.92
N ARG A 149 11.56 -16.67 19.15
CA ARG A 149 11.33 -17.67 18.11
C ARG A 149 11.84 -17.25 16.74
N GLY A 150 12.24 -16.00 16.59
CA GLY A 150 12.83 -15.57 15.34
C GLY A 150 11.85 -15.01 14.34
N PHE A 151 10.66 -14.61 14.77
CA PHE A 151 9.75 -13.87 13.91
C PHE A 151 8.94 -12.91 14.76
N ALA A 152 8.25 -11.99 14.07
CA ALA A 152 7.54 -10.91 14.73
C ALA A 152 6.37 -10.49 13.87
N PHE A 153 5.47 -9.73 14.47
CA PHE A 153 4.35 -9.12 13.76
C PHE A 153 4.40 -7.61 13.99
N VAL A 154 4.21 -6.84 12.93
CA VAL A 154 4.16 -5.39 13.02
C VAL A 154 2.79 -4.96 12.49
N THR A 155 2.06 -4.18 13.30
CA THR A 155 0.76 -3.66 12.90
C THR A 155 0.88 -2.16 12.68
N PHE A 156 0.38 -1.69 11.54
CA PHE A 156 0.40 -0.29 11.16
C PHE A 156 -0.99 0.30 11.30
N ASP A 157 -1.05 1.63 11.18
CA ASP A 157 -2.35 2.28 11.26
C ASP A 157 -3.07 2.31 9.92
N ASP A 158 -2.48 1.75 8.87
CA ASP A 158 -3.07 1.87 7.55
C ASP A 158 -2.46 0.84 6.61
N HIS A 159 -3.24 0.43 5.62
CA HIS A 159 -2.85 -0.66 4.74
C HIS A 159 -1.75 -0.30 3.76
N ASP A 160 -1.57 0.99 3.43
CA ASP A 160 -0.61 1.29 2.36
C ASP A 160 0.81 0.97 2.78
N SER A 161 1.11 1.13 4.06
CA SER A 161 2.39 0.69 4.58
C SER A 161 2.68 -0.76 4.20
N VAL A 162 1.74 -1.65 4.49
CA VAL A 162 1.90 -3.07 4.16
C VAL A 162 2.04 -3.27 2.66
N ASP A 163 1.22 -2.56 1.88
CA ASP A 163 1.28 -2.75 0.43
C ASP A 163 2.63 -2.32 -0.12
N LYS A 164 3.22 -1.25 0.42
CA LYS A 164 4.58 -0.87 0.01
C LYS A 164 5.59 -1.93 0.41
N ILE A 165 5.44 -2.46 1.63
CA ILE A 165 6.42 -3.39 2.17
C ILE A 165 6.47 -4.68 1.35
N VAL A 166 5.30 -5.24 1.04
CA VAL A 166 5.33 -6.61 0.51
C VAL A 166 5.67 -6.67 -0.96
N ILE A 167 5.74 -5.53 -1.65
CA ILE A 167 6.19 -5.57 -3.02
C ILE A 167 7.70 -5.43 -3.15
N GLN A 168 8.40 -5.07 -2.07
CA GLN A 168 9.87 -5.04 -2.12
C GLN A 168 10.41 -6.45 -2.26
N LYS A 169 11.49 -6.59 -3.06
CA LYS A 169 12.14 -7.89 -3.18
C LYS A 169 12.86 -8.29 -1.91
N TYR A 170 13.44 -7.31 -1.18
CA TYR A 170 14.34 -7.59 -0.07
C TYR A 170 13.97 -6.75 1.13
N HIS A 171 14.19 -7.30 2.33
CA HIS A 171 14.13 -6.52 3.56
C HIS A 171 15.30 -6.91 4.44
N THR A 172 16.13 -5.93 4.81
CA THR A 172 17.31 -6.13 5.63
C THR A 172 17.06 -5.40 6.95
N VAL A 173 16.98 -6.17 8.03
CA VAL A 173 16.78 -5.63 9.37
C VAL A 173 17.81 -6.27 10.28
N ASN A 174 18.62 -5.45 10.96
CA ASN A 174 19.58 -5.97 11.93
C ASN A 174 20.54 -6.94 11.24
N GLY A 175 20.95 -6.61 10.02
CA GLY A 175 21.81 -7.45 9.22
C GLY A 175 21.17 -8.72 8.68
N HIS A 176 19.94 -9.03 9.06
CA HIS A 176 19.26 -10.23 8.61
C HIS A 176 18.51 -9.93 7.33
N ASN A 177 18.51 -10.88 6.39
CA ASN A 177 17.57 -10.86 5.26
C ASN A 177 16.26 -11.49 5.71
N CYS A 178 15.21 -10.68 5.78
CA CYS A 178 13.95 -11.09 6.38
C CYS A 178 12.93 -11.46 5.31
N GLU A 179 12.06 -12.39 5.66
CA GLU A 179 10.88 -12.74 4.86
C GLU A 179 9.70 -11.97 5.44
N VAL A 180 9.02 -11.20 4.60
CA VAL A 180 7.92 -10.38 5.09
C VAL A 180 6.68 -10.70 4.26
N ARG A 181 5.56 -10.97 4.95
CA ARG A 181 4.33 -11.33 4.29
C ARG A 181 3.18 -10.64 4.99
N LYS A 182 2.07 -10.45 4.26
CA LYS A 182 0.85 -9.98 4.88
C LYS A 182 0.40 -11.00 5.92
N ALA A 183 -0.10 -10.51 7.06
CA ALA A 183 -0.64 -11.35 8.10
C ALA A 183 -2.10 -11.00 8.35
N LEU A 184 -2.94 -12.02 8.41
CA LEU A 184 -4.38 -11.83 8.59
C LEU A 184 -4.83 -12.40 9.94
N SER A 185 -6.05 -12.02 10.32
CA SER A 185 -6.69 -12.55 11.52
C SER A 185 -7.47 -13.81 11.20
C10 A1H97 B . -9.16 -4.21 -9.49
C13 A1H97 B . -7.30 -3.66 -7.10
C15 A1H97 B . -7.08 -2.79 -4.94
C05 A1H97 B . -11.38 -5.00 -9.51
C06 A1H97 B . -10.45 -4.17 -10.33
C07 A1H97 B . -11.03 -4.61 -8.07
C08 A1H97 B . -11.24 -6.45 -9.89
C09 A1H97 B . -12.85 -4.76 -9.76
C11 A1H97 B . -12.26 -6.65 -11.00
C12 A1H97 B . -8.73 -3.90 -6.94
C14 A1H97 B . -8.46 -3.01 -4.75
N02 A1H97 B . -9.51 -4.49 -8.05
N03 A1H97 B . -9.23 -3.55 -5.73
N04 A1H97 B . -6.53 -3.13 -6.14
O01 A1H97 B . -13.22 -5.59 -10.81
H102 A1H97 B . -8.51 -4.89 -10.05
H101 A1H97 B . -8.75 -3.19 -9.67
H131 A1H97 B . -6.76 -3.91 -8.04
H151 A1H97 B . -6.42 -2.36 -4.16
H061 A1H97 B . -10.82 -3.15 -10.53
H062 A1H97 B . -10.29 -4.65 -11.31
H072 A1H97 B . -11.55 -3.64 -7.87
H071 A1H97 B . -11.57 -5.37 -7.49
H082 A1H97 B . -11.43 -7.16 -9.07
H081 A1H97 B . -10.25 -6.66 -10.34
H092 A1H97 B . -13.45 -4.93 -8.84
H091 A1H97 B . -12.96 -3.68 -9.96
H112 A1H97 B . -11.72 -6.65 -11.97
H111 A1H97 B . -12.67 -7.67 -10.91
H141 A1H97 B . -8.93 -2.75 -3.78
#